data_1FDQ
#
_entry.id   1FDQ
#
_cell.length_a   37.22
_cell.length_b   87.930
_cell.length_c   46.790
_cell.angle_alpha   90.00
_cell.angle_beta   113.40
_cell.angle_gamma   90.00
#
_symmetry.space_group_name_H-M   'P 1 21 1'
#
loop_
_entity.id
_entity.type
_entity.pdbx_description
1 polymer 'FATTY ACID-BINDING PROTEIN, BRAIN'
2 non-polymer 'DOCOSA-4,7,10,13,16,19-HEXAENOIC ACID'
3 water water
#
_entity_poly.entity_id   1
_entity_poly.type   'polypeptide(L)'
_entity_poly.pdbx_seq_one_letter_code
;VEAFCATWKLTNSQNFDEYMKALGVGFATRQVGNVTKPTVIISQEGDKVVIRTLSTFKNTEISFQLGEEFDETTADDRNC
KSVVSLDGDKLVHIQKWDGKETNFVREIKDGKMVMTLTFGDVVAVRHYEKA
;
_entity_poly.pdbx_strand_id   A,B
#
# COMPACT_ATOMS: atom_id res chain seq x y z
N VAL A 1 -9.45 -10.37 -7.83
CA VAL A 1 -8.25 -9.52 -7.53
C VAL A 1 -8.57 -8.42 -6.52
N GLU A 2 -9.78 -7.88 -6.61
CA GLU A 2 -10.20 -6.85 -5.67
C GLU A 2 -10.21 -7.51 -4.28
N ALA A 3 -10.48 -8.81 -4.25
CA ALA A 3 -10.48 -9.55 -2.99
C ALA A 3 -9.12 -9.50 -2.26
N PHE A 4 -8.04 -9.43 -3.03
CA PHE A 4 -6.68 -9.39 -2.47
C PHE A 4 -6.16 -7.96 -2.26
N CYS A 5 -6.94 -6.96 -2.67
CA CYS A 5 -6.50 -5.59 -2.53
C CYS A 5 -6.63 -5.04 -1.14
N ALA A 6 -5.52 -5.07 -0.40
CA ALA A 6 -5.50 -4.56 0.95
C ALA A 6 -4.12 -4.70 1.57
N THR A 7 -3.95 -4.13 2.75
CA THR A 7 -2.69 -4.22 3.48
C THR A 7 -2.83 -5.45 4.37
N TRP A 8 -1.88 -6.38 4.24
CA TRP A 8 -1.92 -7.62 5.02
C TRP A 8 -0.71 -7.80 5.94
N LYS A 9 -0.94 -8.42 7.09
CA LYS A 9 0.14 -8.68 8.03
C LYS A 9 0.27 -10.20 8.29
N LEU A 10 1.51 -10.68 8.25
CA LEU A 10 1.80 -12.10 8.48
C LEU A 10 1.41 -12.43 9.91
N THR A 11 0.57 -13.44 10.09
CA THR A 11 0.17 -13.83 11.43
C THR A 11 0.69 -15.23 11.79
N ASN A 12 1.12 -15.98 10.79
CA ASN A 12 1.63 -17.34 11.03
C ASN A 12 2.21 -18.02 9.79
N SER A 13 3.29 -18.77 9.97
CA SER A 13 3.89 -19.49 8.85
C SER A 13 4.42 -20.82 9.33
N GLN A 14 4.28 -21.84 8.49
CA GLN A 14 4.74 -23.18 8.82
C GLN A 14 5.69 -23.75 7.77
N ASN A 15 6.79 -24.32 8.26
CA ASN A 15 7.80 -24.95 7.43
C ASN A 15 8.52 -24.01 6.48
N PHE A 16 8.50 -22.71 6.76
CA PHE A 16 9.17 -21.75 5.88
C PHE A 16 10.70 -21.89 5.84
N ASP A 17 11.29 -22.37 6.94
CA ASP A 17 12.74 -22.54 7.01
C ASP A 17 13.23 -23.62 6.03
N GLU A 18 12.50 -24.71 5.91
CA GLU A 18 12.90 -25.79 5.02
C GLU A 18 12.71 -25.38 3.56
N TYR A 19 11.62 -24.68 3.28
CA TYR A 19 11.36 -24.21 1.93
C TYR A 19 12.54 -23.37 1.50
N MET A 20 13.00 -22.48 2.38
CA MET A 20 14.14 -21.60 2.06
C MET A 20 15.43 -22.36 1.83
N LYS A 21 15.61 -23.43 2.61
CA LYS A 21 16.79 -24.29 2.51
C LYS A 21 16.86 -24.92 1.12
N ALA A 22 15.70 -25.34 0.63
CA ALA A 22 15.58 -25.95 -0.69
C ALA A 22 15.92 -24.95 -1.78
N LEU A 23 15.41 -23.72 -1.64
CA LEU A 23 15.65 -22.68 -2.61
C LEU A 23 17.14 -22.35 -2.63
N GLY A 24 17.86 -22.89 -1.65
CA GLY A 24 19.28 -22.67 -1.57
C GLY A 24 19.64 -21.32 -0.97
N VAL A 25 18.71 -20.69 -0.28
CA VAL A 25 18.99 -19.39 0.33
C VAL A 25 19.96 -19.48 1.51
N GLY A 26 20.92 -18.55 1.54
CA GLY A 26 21.93 -18.50 2.58
C GLY A 26 21.48 -18.39 4.03
N PHE A 27 22.29 -18.92 4.92
CA PHE A 27 22.04 -18.94 6.35
C PHE A 27 21.72 -17.57 6.93
N ALA A 28 22.45 -16.56 6.49
CA ALA A 28 22.24 -15.19 6.97
C ALA A 28 20.86 -14.65 6.60
N THR A 29 20.34 -15.06 5.44
CA THR A 29 19.04 -14.58 4.99
C THR A 29 17.87 -15.36 5.59
N ARG A 30 18.07 -16.65 5.87
CA ARG A 30 17.00 -17.45 6.47
C ARG A 30 16.74 -17.00 7.91
N GLN A 31 17.81 -16.69 8.64
CA GLN A 31 17.70 -16.20 10.00
C GLN A 31 16.77 -14.99 9.94
N VAL A 32 17.02 -14.11 8.98
CA VAL A 32 16.20 -12.92 8.81
C VAL A 32 14.78 -13.30 8.40
N GLY A 33 14.66 -14.26 7.48
CA GLY A 33 13.36 -14.70 7.02
C GLY A 33 12.54 -15.42 8.06
N ASN A 34 13.20 -15.87 9.13
CA ASN A 34 12.51 -16.60 10.21
C ASN A 34 11.95 -15.71 11.33
N VAL A 35 12.62 -14.58 11.59
CA VAL A 35 12.18 -13.68 12.65
C VAL A 35 11.43 -12.43 12.18
N THR A 36 11.24 -12.28 10.87
CA THR A 36 10.54 -11.09 10.37
C THR A 36 9.07 -11.38 10.06
N LYS A 37 8.23 -10.41 10.38
CA LYS A 37 6.81 -10.51 10.10
C LYS A 37 6.54 -9.35 9.13
N PRO A 38 6.60 -9.65 7.82
CA PRO A 38 6.38 -8.66 6.78
C PRO A 38 4.94 -8.18 6.62
N THR A 39 4.81 -6.98 6.06
CA THR A 39 3.50 -6.42 5.79
C THR A 39 3.44 -6.46 4.26
N VAL A 40 2.46 -7.20 3.73
CA VAL A 40 2.29 -7.35 2.29
C VAL A 40 1.14 -6.47 1.79
N ILE A 41 1.48 -5.49 0.95
CA ILE A 41 0.48 -4.59 0.39
C ILE A 41 0.22 -4.96 -1.06
N ILE A 42 -1.03 -5.33 -1.35
CA ILE A 42 -1.39 -5.69 -2.70
C ILE A 42 -2.42 -4.66 -3.15
N SER A 43 -2.23 -4.12 -4.34
CA SER A 43 -3.11 -3.09 -4.88
C SER A 43 -3.04 -3.04 -6.39
N GLN A 44 -4.03 -2.38 -6.99
CA GLN A 44 -4.08 -2.18 -8.44
C GLN A 44 -3.75 -0.70 -8.63
N GLU A 45 -2.67 -0.41 -9.34
CA GLU A 45 -2.29 0.98 -9.55
C GLU A 45 -2.24 1.25 -11.03
N GLY A 46 -3.38 1.70 -11.55
CA GLY A 46 -3.49 1.98 -12.96
C GLY A 46 -3.71 0.68 -13.69
N ASP A 47 -2.85 0.44 -14.67
CA ASP A 47 -2.90 -0.75 -15.51
C ASP A 47 -2.40 -2.03 -14.82
N LYS A 48 -1.55 -1.87 -13.83
CA LYS A 48 -0.96 -3.01 -13.16
C LYS A 48 -1.37 -3.34 -11.75
N VAL A 49 -0.83 -4.46 -11.28
CA VAL A 49 -1.05 -4.97 -9.95
C VAL A 49 0.30 -4.90 -9.24
N VAL A 50 0.32 -4.23 -8.10
CA VAL A 50 1.53 -4.02 -7.33
C VAL A 50 1.56 -4.82 -6.02
N ILE A 51 2.67 -5.49 -5.78
CA ILE A 51 2.85 -6.26 -4.54
C ILE A 51 4.08 -5.78 -3.79
N ARG A 52 3.84 -5.08 -2.68
CA ARG A 52 4.90 -4.55 -1.84
C ARG A 52 5.03 -5.34 -0.55
N THR A 53 6.25 -5.74 -0.23
CA THR A 53 6.50 -6.50 0.98
C THR A 53 7.44 -5.68 1.83
N LEU A 54 6.93 -5.17 2.94
CA LEU A 54 7.71 -4.31 3.82
C LEU A 54 8.27 -5.11 5.01
N SER A 55 9.58 -5.03 5.12
CA SER A 55 10.35 -5.61 6.22
C SER A 55 11.50 -4.67 6.59
N THR A 56 11.96 -4.84 7.81
CA THR A 56 12.99 -3.96 8.40
C THR A 56 14.39 -4.43 7.98
N PHE A 57 14.40 -5.46 7.16
CA PHE A 57 15.64 -6.08 6.67
C PHE A 57 15.70 -6.01 5.15
N LYS A 58 14.54 -5.76 4.56
CA LYS A 58 14.41 -5.68 3.10
C LYS A 58 13.01 -5.14 2.73
N ASN A 59 13.03 -4.26 1.74
CA ASN A 59 11.81 -3.68 1.14
C ASN A 59 11.81 -3.91 -0.38
N THR A 60 10.99 -4.87 -0.79
CA THR A 60 10.89 -5.30 -2.20
C THR A 60 9.77 -4.51 -2.90
N GLU A 61 9.48 -4.88 -4.16
CA GLU A 61 8.29 -4.33 -4.81
C GLU A 61 8.17 -4.60 -6.28
N ILE A 62 6.80 -5.66 -6.61
CA ILE A 62 6.96 -6.12 -7.97
C ILE A 62 5.72 -5.60 -8.67
N SER A 63 5.52 -4.83 -9.84
CA SER A 63 4.32 -4.28 -10.45
C SER A 63 4.19 -5.06 -11.76
N PHE A 64 2.97 -5.43 -12.13
CA PHE A 64 2.82 -6.23 -13.32
C PHE A 64 1.43 -6.29 -13.87
N GLN A 65 1.31 -6.96 -15.00
CA GLN A 65 0.05 -7.18 -15.65
C GLN A 65 -0.13 -8.70 -15.63
N LEU A 66 -1.32 -9.14 -15.24
CA LEU A 66 -1.65 -10.54 -15.18
C LEU A 66 -1.37 -11.23 -16.49
N GLY A 67 -0.75 -12.39 -16.42
CA GLY A 67 -0.44 -13.15 -17.62
C GLY A 67 0.82 -12.72 -18.35
N GLU A 68 1.44 -11.63 -17.91
CA GLU A 68 2.66 -11.17 -18.57
C GLU A 68 3.94 -11.42 -17.78
N GLU A 69 4.88 -12.09 -18.44
CA GLU A 69 6.17 -12.41 -17.83
C GLU A 69 6.95 -11.12 -17.60
N PHE A 70 7.69 -11.08 -16.50
CA PHE A 70 8.49 -9.92 -16.13
C PHE A 70 9.73 -10.39 -15.37
N ASP A 71 10.75 -9.53 -15.26
CA ASP A 71 11.95 -9.90 -14.52
C ASP A 71 11.74 -9.57 -13.06
N GLU A 72 12.29 -10.40 -12.18
CA GLU A 72 12.12 -10.16 -10.76
C GLU A 72 13.39 -10.51 -10.00
N THR A 73 13.80 -9.61 -9.13
CA THR A 73 14.96 -9.84 -8.31
C THR A 73 14.36 -10.10 -6.93
N THR A 74 14.44 -11.34 -6.48
CA THR A 74 13.86 -11.70 -5.20
C THR A 74 14.67 -11.26 -3.99
N ALA A 75 14.05 -11.43 -2.82
CA ALA A 75 14.67 -11.04 -1.57
C ALA A 75 15.97 -11.81 -1.35
N ASP A 76 16.00 -13.08 -1.76
CA ASP A 76 17.20 -13.89 -1.61
C ASP A 76 18.13 -13.70 -2.81
N ASP A 77 17.82 -12.69 -3.61
CA ASP A 77 18.61 -12.31 -4.78
C ASP A 77 18.73 -13.32 -5.93
N ARG A 78 17.57 -13.78 -6.40
CA ARG A 78 17.53 -14.71 -7.52
C ARG A 78 16.87 -13.90 -8.62
N ASN A 79 17.48 -13.84 -9.78
CA ASN A 79 16.91 -13.10 -10.89
C ASN A 79 16.04 -14.09 -11.62
N CYS A 80 14.73 -13.86 -11.55
CA CYS A 80 13.77 -14.78 -12.16
C CYS A 80 12.95 -14.19 -13.30
N LYS A 81 12.26 -15.08 -14.01
CA LYS A 81 11.34 -14.72 -15.06
C LYS A 81 10.01 -15.14 -14.42
N SER A 82 9.22 -14.17 -14.02
CA SER A 82 7.97 -14.47 -13.34
C SER A 82 6.69 -14.10 -14.06
N VAL A 83 5.61 -14.68 -13.58
CA VAL A 83 4.28 -14.43 -14.12
C VAL A 83 3.27 -14.57 -12.99
N VAL A 84 2.42 -13.56 -12.85
CA VAL A 84 1.38 -13.62 -11.85
C VAL A 84 0.09 -13.72 -12.61
N SER A 85 -0.82 -14.57 -12.16
CA SER A 85 -2.08 -14.72 -12.86
C SER A 85 -3.20 -15.16 -11.94
N LEU A 86 -4.41 -15.09 -12.47
CA LEU A 86 -5.59 -15.52 -11.75
C LEU A 86 -5.99 -16.87 -12.30
N ASP A 87 -6.31 -17.79 -11.40
CA ASP A 87 -6.74 -19.14 -11.76
C ASP A 87 -8.04 -19.35 -11.01
N GLY A 88 -9.15 -18.87 -11.58
CA GLY A 88 -10.43 -19.02 -10.93
C GLY A 88 -10.62 -18.03 -9.79
N ASP A 89 -10.08 -18.33 -8.62
CA ASP A 89 -10.23 -17.44 -7.48
C ASP A 89 -8.89 -17.23 -6.78
N LYS A 90 -7.88 -17.99 -7.21
CA LYS A 90 -6.54 -17.94 -6.65
C LYS A 90 -5.54 -17.11 -7.48
N LEU A 91 -4.62 -16.46 -6.78
CA LEU A 91 -3.57 -15.68 -7.42
C LEU A 91 -2.33 -16.58 -7.46
N VAL A 92 -1.89 -16.95 -8.65
CA VAL A 92 -0.72 -17.82 -8.80
C VAL A 92 0.53 -17.05 -9.23
N HIS A 93 1.61 -17.20 -8.47
CA HIS A 93 2.88 -16.53 -8.73
C HIS A 93 3.92 -17.62 -9.06
N ILE A 94 4.51 -17.55 -10.24
CA ILE A 94 5.50 -18.54 -10.68
C ILE A 94 6.85 -17.86 -10.99
N GLN A 95 7.92 -18.44 -10.45
CA GLN A 95 9.27 -17.91 -10.63
C GLN A 95 10.19 -18.95 -11.29
N LYS A 96 10.89 -18.54 -12.34
CA LYS A 96 11.78 -19.45 -13.07
C LYS A 96 13.20 -18.90 -13.20
N TRP A 97 14.17 -19.66 -12.67
CA TRP A 97 15.58 -19.28 -12.71
C TRP A 97 16.42 -20.57 -12.78
N ASP A 98 17.62 -20.47 -13.39
CA ASP A 98 18.52 -21.62 -13.52
C ASP A 98 17.79 -22.95 -13.75
N GLY A 99 16.95 -22.98 -14.78
CA GLY A 99 16.21 -24.19 -15.10
C GLY A 99 15.33 -24.68 -13.97
N LYS A 100 15.03 -23.82 -13.01
CA LYS A 100 14.19 -24.19 -11.88
C LYS A 100 12.84 -23.46 -11.88
N GLU A 101 11.96 -23.91 -10.99
CA GLU A 101 10.63 -23.33 -10.86
C GLU A 101 10.02 -23.52 -9.46
N THR A 102 9.55 -22.44 -8.87
CA THR A 102 8.87 -22.47 -7.58
C THR A 102 7.62 -21.62 -7.77
N ASN A 103 6.55 -21.91 -7.02
CA ASN A 103 5.32 -21.14 -7.18
C ASN A 103 4.59 -20.85 -5.87
N PHE A 104 3.91 -19.71 -5.85
CA PHE A 104 3.12 -19.29 -4.69
C PHE A 104 1.64 -19.19 -5.07
N VAL A 105 0.79 -19.71 -4.19
CA VAL A 105 -0.63 -19.64 -4.41
C VAL A 105 -1.18 -18.80 -3.25
N ARG A 106 -1.92 -17.76 -3.61
CA ARG A 106 -2.53 -16.89 -2.63
C ARG A 106 -4.03 -17.02 -2.86
N GLU A 107 -4.78 -17.35 -1.80
CA GLU A 107 -6.22 -17.49 -1.92
C GLU A 107 -6.86 -17.04 -0.63
N ILE A 108 -8.06 -16.48 -0.73
CA ILE A 108 -8.79 -16.00 0.43
C ILE A 108 -9.52 -17.15 1.11
N LYS A 109 -9.23 -17.35 2.40
CA LYS A 109 -9.82 -18.44 3.15
C LYS A 109 -10.35 -18.00 4.52
N ASP A 110 -11.68 -18.08 4.67
CA ASP A 110 -12.38 -17.74 5.91
C ASP A 110 -11.91 -16.44 6.53
N GLY A 111 -11.87 -15.39 5.72
CA GLY A 111 -11.44 -14.10 6.22
C GLY A 111 -9.98 -13.77 5.96
N LYS A 112 -9.11 -14.78 5.95
CA LYS A 112 -7.68 -14.54 5.75
C LYS A 112 -7.09 -14.91 4.38
N MET A 113 -5.85 -14.48 4.16
CA MET A 113 -5.17 -14.80 2.92
C MET A 113 -4.20 -15.93 3.24
N VAL A 114 -4.40 -17.07 2.59
CA VAL A 114 -3.53 -18.23 2.79
C VAL A 114 -2.53 -18.30 1.64
N MET A 115 -1.25 -18.28 1.98
CA MET A 115 -0.22 -18.34 0.96
C MET A 115 0.52 -19.67 0.99
N THR A 116 0.37 -20.45 -0.07
CA THR A 116 1.05 -21.74 -0.16
C THR A 116 2.26 -21.62 -1.08
N LEU A 117 3.45 -21.85 -0.55
CA LEU A 117 4.68 -21.76 -1.34
C LEU A 117 5.23 -23.17 -1.56
N THR A 118 5.46 -23.54 -2.81
CA THR A 118 5.99 -24.85 -3.08
C THR A 118 7.17 -24.94 -4.04
N PHE A 119 8.11 -25.80 -3.69
CA PHE A 119 9.30 -26.03 -4.49
C PHE A 119 9.46 -27.55 -4.58
N GLY A 120 9.28 -28.11 -5.77
CA GLY A 120 9.39 -29.55 -5.91
C GLY A 120 8.41 -30.18 -4.93
N ASP A 121 8.90 -31.02 -4.03
CA ASP A 121 8.02 -31.65 -3.06
C ASP A 121 8.02 -30.96 -1.69
N VAL A 122 8.62 -29.79 -1.62
CA VAL A 122 8.67 -29.05 -0.36
C VAL A 122 7.60 -27.96 -0.34
N VAL A 123 6.75 -28.01 0.67
CA VAL A 123 5.66 -27.07 0.84
C VAL A 123 5.78 -26.21 2.10
N ALA A 124 5.44 -24.93 1.97
CA ALA A 124 5.45 -24.00 3.10
C ALA A 124 4.15 -23.20 3.05
N VAL A 125 3.60 -22.89 4.22
CA VAL A 125 2.34 -22.15 4.30
C VAL A 125 2.50 -20.88 5.15
N ARG A 126 1.83 -19.81 4.73
CA ARG A 126 1.89 -18.55 5.44
C ARG A 126 0.48 -17.99 5.50
N HIS A 127 0.09 -17.50 6.66
CA HIS A 127 -1.22 -16.92 6.84
C HIS A 127 -1.12 -15.42 7.01
N TYR A 128 -2.06 -14.71 6.40
CA TYR A 128 -2.09 -13.26 6.48
C TYR A 128 -3.46 -12.78 6.90
N GLU A 129 -3.48 -11.71 7.70
CA GLU A 129 -4.69 -11.07 8.18
C GLU A 129 -4.68 -9.62 7.75
N LYS A 130 -5.84 -9.10 7.35
CA LYS A 130 -5.93 -7.71 6.92
C LYS A 130 -5.59 -6.75 8.05
N ALA A 131 -5.05 -5.59 7.69
CA ALA A 131 -4.69 -4.56 8.66
C ALA A 131 -5.94 -3.98 9.33
N VAL B 1 1.16 6.22 14.86
CA VAL B 1 1.29 6.05 13.40
C VAL B 1 0.77 4.69 12.93
N GLU B 2 0.88 3.69 13.80
CA GLU B 2 0.43 2.35 13.43
C GLU B 2 -1.07 2.28 13.16
N ALA B 3 -1.85 3.05 13.92
CA ALA B 3 -3.30 3.06 13.74
C ALA B 3 -3.67 3.43 12.31
N PHE B 4 -2.82 4.26 11.68
CA PHE B 4 -3.05 4.71 10.31
C PHE B 4 -2.58 3.75 9.22
N CYS B 5 -1.64 2.88 9.56
CA CYS B 5 -1.10 1.95 8.58
C CYS B 5 -2.06 0.88 8.10
N ALA B 6 -2.67 1.14 6.96
CA ALA B 6 -3.61 0.21 6.36
C ALA B 6 -3.95 0.73 4.98
N THR B 7 -4.77 -0.02 4.27
CA THR B 7 -5.25 0.36 2.95
C THR B 7 -6.67 0.86 3.21
N TRP B 8 -6.89 2.14 3.01
CA TRP B 8 -8.20 2.72 3.28
C TRP B 8 -9.02 2.98 2.03
N LYS B 9 -10.34 2.98 2.22
CA LYS B 9 -11.27 3.19 1.12
C LYS B 9 -12.29 4.28 1.47
N LEU B 10 -12.46 5.26 0.60
CA LEU B 10 -13.42 6.35 0.85
C LEU B 10 -14.86 5.86 0.86
N THR B 11 -15.56 6.08 1.98
CA THR B 11 -16.97 5.69 2.08
C THR B 11 -17.93 6.88 2.20
N ASN B 12 -17.40 8.04 2.59
CA ASN B 12 -18.24 9.24 2.70
C ASN B 12 -17.45 10.54 2.46
N SER B 13 -18.17 11.57 2.01
CA SER B 13 -17.58 12.86 1.74
C SER B 13 -18.65 13.91 1.97
N GLN B 14 -18.27 15.02 2.61
CA GLN B 14 -19.20 16.10 2.89
C GLN B 14 -18.60 17.46 2.60
N ASN B 15 -19.37 18.27 1.88
CA ASN B 15 -18.97 19.62 1.52
C ASN B 15 -17.60 19.69 0.82
N PHE B 16 -17.21 18.60 0.15
CA PHE B 16 -15.93 18.58 -0.54
C PHE B 16 -15.87 19.55 -1.71
N ASP B 17 -16.96 19.65 -2.49
CA ASP B 17 -16.98 20.56 -3.62
C ASP B 17 -16.69 22.00 -3.19
N GLU B 18 -17.30 22.45 -2.10
CA GLU B 18 -17.08 23.82 -1.62
C GLU B 18 -15.64 24.03 -1.20
N TYR B 19 -15.06 23.01 -0.59
CA TYR B 19 -13.67 23.10 -0.19
C TYR B 19 -12.79 23.23 -1.43
N MET B 20 -13.02 22.38 -2.43
CA MET B 20 -12.21 22.44 -3.65
C MET B 20 -12.36 23.80 -4.33
N LYS B 21 -13.55 24.37 -4.20
CA LYS B 21 -13.82 25.66 -4.79
C LYS B 21 -12.98 26.74 -4.12
N ALA B 22 -13.04 26.80 -2.80
CA ALA B 22 -12.27 27.80 -2.06
C ALA B 22 -10.78 27.62 -2.29
N LEU B 23 -10.39 26.38 -2.52
CA LEU B 23 -8.99 26.05 -2.76
C LEU B 23 -8.51 26.64 -4.09
N GLY B 24 -9.42 26.68 -5.06
CA GLY B 24 -9.08 27.22 -6.36
C GLY B 24 -8.91 26.16 -7.43
N VAL B 25 -9.31 24.93 -7.10
CA VAL B 25 -9.22 23.80 -8.01
C VAL B 25 -10.01 24.07 -9.28
N GLY B 26 -9.50 23.64 -10.42
CA GLY B 26 -10.21 23.86 -11.66
C GLY B 26 -11.50 23.07 -11.73
N PHE B 27 -12.44 23.59 -12.52
CA PHE B 27 -13.75 22.98 -12.69
C PHE B 27 -13.74 21.52 -13.13
N ALA B 28 -12.79 21.15 -13.99
CA ALA B 28 -12.72 19.78 -14.47
C ALA B 28 -12.16 18.88 -13.39
N THR B 29 -11.15 19.38 -12.67
CA THR B 29 -10.57 18.59 -11.61
C THR B 29 -11.64 18.38 -10.55
N ARG B 30 -12.45 19.41 -10.33
CA ARG B 30 -13.54 19.32 -9.37
C ARG B 30 -14.54 18.24 -9.77
N GLN B 31 -14.91 18.18 -11.05
CA GLN B 31 -15.82 17.15 -11.51
C GLN B 31 -15.30 15.77 -11.16
N VAL B 32 -13.99 15.58 -11.25
CA VAL B 32 -13.41 14.29 -10.95
C VAL B 32 -13.42 14.11 -9.45
N GLY B 33 -13.00 15.15 -8.74
CA GLY B 33 -12.96 15.11 -7.30
C GLY B 33 -14.28 14.76 -6.67
N ASN B 34 -15.38 15.12 -7.34
CA ASN B 34 -16.72 14.84 -6.83
C ASN B 34 -17.28 13.46 -7.14
N VAL B 35 -16.73 12.78 -8.13
CA VAL B 35 -17.24 11.46 -8.46
C VAL B 35 -16.33 10.27 -8.20
N THR B 36 -15.09 10.50 -7.79
CA THR B 36 -14.22 9.35 -7.56
C THR B 36 -14.09 8.98 -6.08
N LYS B 37 -13.97 7.68 -5.82
CA LYS B 37 -13.80 7.18 -4.47
C LYS B 37 -12.38 6.60 -4.43
N PRO B 38 -11.38 7.45 -4.11
CA PRO B 38 -9.99 7.00 -4.04
C PRO B 38 -9.70 5.95 -2.99
N THR B 39 -8.55 5.31 -3.16
CA THR B 39 -8.08 4.30 -2.25
C THR B 39 -6.79 4.87 -1.69
N VAL B 40 -6.75 5.02 -0.38
CA VAL B 40 -5.59 5.59 0.26
C VAL B 40 -4.78 4.56 1.06
N ILE B 41 -3.49 4.50 0.73
CA ILE B 41 -2.60 3.58 1.41
C ILE B 41 -1.58 4.35 2.20
N ILE B 42 -1.57 4.12 3.51
CA ILE B 42 -0.62 4.79 4.37
C ILE B 42 0.23 3.69 4.93
N SER B 43 1.54 3.83 4.85
CA SER B 43 2.44 2.80 5.34
C SER B 43 3.79 3.36 5.77
N GLN B 44 4.55 2.57 6.50
CA GLN B 44 5.87 3.00 6.94
C GLN B 44 6.89 2.16 6.19
N GLU B 45 7.83 2.83 5.55
CA GLU B 45 8.84 2.16 4.77
C GLU B 45 10.17 2.75 5.18
N GLY B 46 11.01 1.94 5.79
CA GLY B 46 12.29 2.44 6.26
C GLY B 46 11.98 3.42 7.38
N ASP B 47 12.54 4.62 7.33
CA ASP B 47 12.29 5.62 8.36
C ASP B 47 11.40 6.78 7.84
N LYS B 48 10.70 6.52 6.73
CA LYS B 48 9.83 7.51 6.14
C LYS B 48 8.39 7.01 6.11
N VAL B 49 7.43 7.93 6.03
CA VAL B 49 6.04 7.53 5.97
C VAL B 49 5.56 7.81 4.55
N VAL B 50 4.79 6.88 3.99
CA VAL B 50 4.29 7.07 2.65
C VAL B 50 2.78 6.96 2.58
N ILE B 51 2.20 7.86 1.80
CA ILE B 51 0.76 7.94 1.61
C ILE B 51 0.48 7.92 0.11
N ARG B 52 -0.14 6.84 -0.35
CA ARG B 52 -0.47 6.71 -1.76
C ARG B 52 -1.98 6.78 -1.98
N THR B 53 -2.39 7.61 -2.93
CA THR B 53 -3.80 7.80 -3.25
C THR B 53 -4.00 7.30 -4.68
N LEU B 54 -4.83 6.27 -4.81
CA LEU B 54 -5.13 5.67 -6.11
C LEU B 54 -6.57 5.94 -6.54
N SER B 55 -6.78 6.49 -7.73
CA SER B 55 -8.14 6.79 -8.18
C SER B 55 -8.32 6.73 -9.70
N THR B 56 -7.74 5.72 -10.29
CA THR B 56 -8.11 5.29 -11.65
C THR B 56 -8.33 6.48 -12.57
N PHE B 57 -7.80 7.62 -12.15
CA PHE B 57 -7.87 8.87 -12.90
C PHE B 57 -6.56 9.60 -12.62
N LYS B 58 -6.14 9.57 -11.36
CA LYS B 58 -4.89 10.20 -10.95
C LYS B 58 -4.32 9.49 -9.74
N ASN B 59 -3.01 9.24 -9.74
CA ASN B 59 -2.36 8.58 -8.60
C ASN B 59 -1.26 9.49 -8.10
N THR B 60 -1.20 9.70 -6.80
CA THR B 60 -0.17 10.53 -6.19
C THR B 60 0.48 9.73 -5.06
N GLU B 61 1.66 10.17 -4.65
CA GLU B 61 2.43 9.51 -3.61
C GLU B 61 3.36 10.51 -2.91
N ILE B 62 3.35 10.47 -1.59
CA ILE B 62 4.24 11.33 -0.81
C ILE B 62 4.92 10.47 0.25
N SER B 63 6.22 10.74 0.42
CA SER B 63 7.08 10.05 1.38
C SER B 63 7.70 11.18 2.19
N PHE B 64 7.86 10.99 3.49
CA PHE B 64 8.37 12.08 4.31
C PHE B 64 8.68 11.62 5.72
N GLN B 65 9.40 12.47 6.45
CA GLN B 65 9.71 12.20 7.85
C GLN B 65 8.83 13.16 8.62
N LEU B 66 8.32 12.70 9.75
CA LEU B 66 7.44 13.51 10.59
C LEU B 66 8.09 14.82 11.02
N GLY B 67 7.38 15.94 10.82
CA GLY B 67 7.90 17.24 11.24
C GLY B 67 8.99 17.83 10.38
N GLU B 68 9.32 17.15 9.29
CA GLU B 68 10.38 17.58 8.37
C GLU B 68 9.78 18.08 7.05
N GLU B 69 9.93 19.38 6.81
CA GLU B 69 9.40 20.02 5.61
C GLU B 69 9.84 19.34 4.31
N PHE B 70 8.94 19.26 3.35
CA PHE B 70 9.26 18.64 2.08
C PHE B 70 8.43 19.27 0.98
N ASP B 71 8.79 19.03 -0.27
CA ASP B 71 8.07 19.59 -1.39
C ASP B 71 6.99 18.61 -1.78
N GLU B 72 5.83 19.12 -2.16
CA GLU B 72 4.74 18.24 -2.54
C GLU B 72 3.97 18.75 -3.75
N THR B 73 3.73 17.85 -4.69
CA THR B 73 2.97 18.17 -5.88
C THR B 73 1.60 17.55 -5.62
N THR B 74 0.59 18.38 -5.40
CA THR B 74 -0.75 17.88 -5.12
C THR B 74 -1.45 17.30 -6.35
N ALA B 75 -2.56 16.62 -6.11
CA ALA B 75 -3.34 16.00 -7.18
C ALA B 75 -3.88 17.04 -8.15
N ASP B 76 -4.12 18.26 -7.67
CA ASP B 76 -4.62 19.34 -8.53
C ASP B 76 -3.45 20.18 -9.04
N ASP B 77 -2.28 19.55 -9.07
CA ASP B 77 -1.04 20.16 -9.56
C ASP B 77 -0.52 21.40 -8.85
N ARG B 78 -0.69 21.48 -7.54
CA ARG B 78 -0.15 22.60 -6.79
C ARG B 78 1.19 22.14 -6.26
N ASN B 79 2.12 23.07 -6.12
CA ASN B 79 3.45 22.78 -5.61
C ASN B 79 3.52 23.45 -4.25
N CYS B 80 3.61 22.64 -3.20
CA CYS B 80 3.64 23.18 -1.85
C CYS B 80 4.83 22.75 -1.02
N LYS B 81 4.99 23.44 0.09
CA LYS B 81 6.02 23.14 1.06
C LYS B 81 5.15 22.59 2.20
N SER B 82 5.15 21.27 2.36
CA SER B 82 4.33 20.63 3.38
C SER B 82 5.07 20.06 4.57
N VAL B 83 4.31 19.77 5.61
CA VAL B 83 4.81 19.18 6.84
C VAL B 83 3.67 18.37 7.43
N VAL B 84 3.95 17.13 7.78
CA VAL B 84 2.95 16.30 8.40
C VAL B 84 3.55 15.87 9.73
N SER B 85 2.71 15.79 10.76
CA SER B 85 3.17 15.44 12.08
C SER B 85 2.05 14.87 12.92
N LEU B 86 2.41 14.43 14.12
CA LEU B 86 1.46 13.87 15.07
C LEU B 86 1.18 14.88 16.18
N ASP B 87 -0.09 15.06 16.48
CA ASP B 87 -0.51 15.94 17.57
C ASP B 87 -1.28 14.93 18.41
N GLY B 88 -0.58 14.20 19.26
CA GLY B 88 -1.25 13.20 20.07
C GLY B 88 -1.43 11.97 19.18
N ASP B 89 -2.66 11.71 18.77
CA ASP B 89 -2.92 10.57 17.89
C ASP B 89 -3.63 11.06 16.63
N LYS B 90 -3.47 12.35 16.36
CA LYS B 90 -4.05 12.97 15.18
C LYS B 90 -2.92 13.21 14.17
N LEU B 91 -3.20 12.95 12.91
CA LEU B 91 -2.22 13.13 11.85
C LEU B 91 -2.43 14.51 11.21
N VAL B 92 -1.49 15.42 11.40
CA VAL B 92 -1.65 16.77 10.88
C VAL B 92 -0.84 17.07 9.62
N HIS B 93 -1.55 17.39 8.54
CA HIS B 93 -0.94 17.68 7.25
C HIS B 93 -1.14 19.16 6.87
N ILE B 94 -0.06 19.92 6.84
CA ILE B 94 -0.13 21.34 6.47
C ILE B 94 0.56 21.60 5.13
N GLN B 95 -0.17 22.23 4.21
CA GLN B 95 0.32 22.56 2.87
C GLN B 95 0.39 24.08 2.69
N LYS B 96 1.48 24.52 2.08
CA LYS B 96 1.75 25.95 1.87
C LYS B 96 2.23 26.18 0.43
N TRP B 97 1.56 27.14 -0.19
CA TRP B 97 1.86 27.58 -1.56
C TRP B 97 1.09 28.87 -1.86
N ASP B 98 1.85 29.90 -2.12
CA ASP B 98 1.30 31.23 -2.40
C ASP B 98 0.53 31.75 -1.18
N GLY B 99 1.29 32.01 -0.13
CA GLY B 99 0.76 32.56 1.12
C GLY B 99 -0.30 31.63 1.70
N LYS B 100 -1.16 31.16 0.81
CA LYS B 100 -2.27 30.27 1.17
C LYS B 100 -1.74 29.05 1.96
N GLU B 101 -2.43 28.78 3.06
CA GLU B 101 -2.14 27.63 3.93
C GLU B 101 -3.43 26.82 4.14
N THR B 102 -3.35 25.51 3.92
CA THR B 102 -4.49 24.62 4.12
C THR B 102 -4.02 23.44 4.97
N ASN B 103 -4.94 22.79 5.68
CA ASN B 103 -4.56 21.66 6.50
C ASN B 103 -5.58 20.54 6.55
N PHE B 104 -5.07 19.33 6.70
CA PHE B 104 -5.89 18.13 6.77
C PHE B 104 -5.55 17.47 8.10
N VAL B 105 -6.59 17.00 8.81
CA VAL B 105 -6.38 16.30 10.06
C VAL B 105 -7.02 14.92 9.95
N ARG B 106 -6.21 13.88 10.04
CA ARG B 106 -6.71 12.53 9.94
C ARG B 106 -6.81 11.91 11.33
N GLU B 107 -7.99 11.39 11.64
CA GLU B 107 -8.18 10.76 12.94
C GLU B 107 -8.90 9.43 12.78
N ILE B 108 -8.62 8.51 13.68
CA ILE B 108 -9.30 7.24 13.68
C ILE B 108 -10.40 7.32 14.73
N LYS B 109 -11.65 7.16 14.30
CA LYS B 109 -12.77 7.18 15.22
C LYS B 109 -13.28 5.75 15.21
N ASP B 110 -12.80 4.96 16.16
CA ASP B 110 -13.20 3.55 16.26
C ASP B 110 -13.17 2.78 14.93
N GLY B 111 -11.97 2.57 14.40
CA GLY B 111 -11.80 1.84 13.14
C GLY B 111 -12.02 2.64 11.87
N LYS B 112 -12.72 3.75 11.97
CA LYS B 112 -13.00 4.61 10.84
C LYS B 112 -11.99 5.76 10.78
N MET B 113 -11.44 6.03 9.59
CA MET B 113 -10.52 7.15 9.50
C MET B 113 -11.36 8.35 9.08
N VAL B 114 -11.24 9.43 9.85
CA VAL B 114 -11.99 10.66 9.57
C VAL B 114 -11.02 11.78 9.25
N MET B 115 -11.10 12.25 8.01
CA MET B 115 -10.24 13.32 7.57
C MET B 115 -10.96 14.66 7.46
N THR B 116 -10.43 15.65 8.19
CA THR B 116 -10.97 17.02 8.15
C THR B 116 -10.02 17.93 7.39
N LEU B 117 -10.52 18.47 6.28
CA LEU B 117 -9.73 19.36 5.42
C LEU B 117 -10.27 20.77 5.62
N THR B 118 -9.40 21.70 5.99
CA THR B 118 -9.87 23.06 6.23
C THR B 118 -9.03 24.12 5.52
N PHE B 119 -9.72 25.05 4.86
CA PHE B 119 -9.08 26.16 4.17
C PHE B 119 -9.89 27.41 4.53
N GLY B 120 -9.26 28.40 5.13
CA GLY B 120 -9.99 29.60 5.51
C GLY B 120 -11.05 29.16 6.51
N ASP B 121 -12.31 29.48 6.25
CA ASP B 121 -13.39 29.08 7.15
C ASP B 121 -14.28 28.01 6.51
N VAL B 122 -13.82 27.43 5.39
CA VAL B 122 -14.57 26.38 4.71
C VAL B 122 -13.95 25.05 5.11
N VAL B 123 -14.82 24.14 5.56
CA VAL B 123 -14.41 22.84 6.01
C VAL B 123 -15.09 21.74 5.22
N ALA B 124 -14.42 20.60 5.11
CA ALA B 124 -14.97 19.44 4.42
C ALA B 124 -14.54 18.21 5.21
N VAL B 125 -15.41 17.21 5.29
CA VAL B 125 -15.10 16.00 6.05
C VAL B 125 -15.22 14.74 5.20
N ARG B 126 -14.22 13.86 5.33
CA ARG B 126 -14.19 12.62 4.56
C ARG B 126 -14.05 11.40 5.46
N HIS B 127 -14.84 10.37 5.17
CA HIS B 127 -14.81 9.13 5.93
C HIS B 127 -14.24 8.00 5.10
N TYR B 128 -13.34 7.22 5.69
CA TYR B 128 -12.71 6.10 5.02
C TYR B 128 -12.89 4.88 5.88
N GLU B 129 -12.91 3.72 5.25
CA GLU B 129 -13.04 2.45 5.97
C GLU B 129 -11.90 1.56 5.51
N LYS B 130 -11.44 0.67 6.38
CA LYS B 130 -10.37 -0.26 6.02
C LYS B 130 -10.91 -1.23 4.97
N ALA B 131 -10.03 -1.68 4.09
CA ALA B 131 -10.46 -2.59 3.04
C ALA B 131 -10.62 -4.04 3.53
#